data_9JM7
#
_entry.id   9JM7
#
_cell.length_a   37.701
_cell.length_b   63.447
_cell.length_c   123.334
_cell.angle_alpha   90.00
_cell.angle_beta   94.88
_cell.angle_gamma   90.00
#
_symmetry.space_group_name_H-M   'P 1 21 1'
#
loop_
_entity.id
_entity.type
_entity.pdbx_description
1 polymer LRD-2A
2 polymer LRD-2V
3 water water
#
loop_
_entity_poly.entity_id
_entity_poly.type
_entity_poly.pdbx_seq_one_letter_code
_entity_poly.pdbx_strand_id
1 'polypeptide(L)' MGVVREAIAYFAKEAGALSEAELEKVKNGSNEEAIALGEKAVARAKALGKEKEAK(OZW)IKVLVEELKKEGHHHHHH A,C,E
2 'polypeptide(L)' MGVEAAKKEIKKLKEEVLKKYKKGEINEEEAIKEFVEKALKLVKAVGDEAVKKFAIEEAKALVEEL B,D,F
#
# COMPACT_ATOMS: atom_id res chain seq x y z
N VAL A 3 -5.60 -3.15 28.38
CA VAL A 3 -4.37 -3.94 28.15
C VAL A 3 -4.17 -4.15 26.64
N VAL A 4 -5.27 -4.26 25.91
CA VAL A 4 -5.15 -4.49 24.46
C VAL A 4 -4.40 -3.34 23.81
N ARG A 5 -4.82 -2.11 24.10
CA ARG A 5 -4.16 -0.94 23.55
C ARG A 5 -2.71 -0.92 23.93
N GLU A 6 -2.41 -1.19 25.21
CA GLU A 6 -1.03 -1.15 25.65
C GLU A 6 -0.21 -2.25 24.98
N ALA A 7 -0.84 -3.42 24.76
CA ALA A 7 -0.12 -4.50 24.08
C ALA A 7 0.20 -4.13 22.63
N ILE A 8 -0.77 -3.52 21.94
CA ILE A 8 -0.55 -3.08 20.56
C ILE A 8 0.55 -2.03 20.51
N ALA A 9 0.48 -1.03 21.41
CA ALA A 9 1.49 0.03 21.45
C ALA A 9 2.87 -0.54 21.70
N TYR A 10 2.99 -1.46 22.66
CA TYR A 10 4.28 -2.08 22.97
C TYR A 10 4.84 -2.85 21.76
N PHE A 11 4.00 -3.67 21.11
CA PHE A 11 4.54 -4.46 20.01
C PHE A 11 4.85 -3.58 18.80
N ALA A 12 4.05 -2.54 18.56
CA ALA A 12 4.36 -1.62 17.47
C ALA A 12 5.62 -0.83 17.77
N LYS A 13 5.86 -0.51 19.04
CA LYS A 13 7.11 0.11 19.46
C LYS A 13 8.28 -0.80 19.20
N GLU A 14 8.24 -2.02 19.73
CA GLU A 14 9.31 -2.97 19.52
C GLU A 14 9.58 -3.20 18.04
N ALA A 15 8.52 -3.25 17.23
CA ALA A 15 8.63 -3.39 15.78
C ALA A 15 8.98 -2.10 15.08
N GLY A 16 8.86 -0.96 15.76
CA GLY A 16 9.08 0.32 15.12
C GLY A 16 8.09 0.60 14.01
N ALA A 17 6.86 0.11 14.16
CA ALA A 17 5.83 0.24 13.14
C ALA A 17 5.04 1.52 13.27
N LEU A 18 5.21 2.27 14.35
CA LEU A 18 4.45 3.49 14.59
C LEU A 18 5.36 4.54 15.21
N SER A 19 4.89 5.79 15.21
CA SER A 19 5.63 6.90 15.78
C SER A 19 5.17 7.17 17.22
N GLU A 20 6.00 7.94 17.94
CA GLU A 20 5.67 8.28 19.32
C GLU A 20 4.29 8.88 19.41
N ALA A 21 3.97 9.79 18.50
CA ALA A 21 2.64 10.37 18.49
C ALA A 21 1.58 9.33 18.20
N GLU A 22 1.93 8.33 17.38
CA GLU A 22 0.94 7.31 17.06
C GLU A 22 0.80 6.32 18.20
N LEU A 23 1.88 6.04 18.90
CA LEU A 23 1.78 5.16 20.06
C LEU A 23 0.92 5.82 21.12
N GLU A 24 1.08 7.13 21.32
CA GLU A 24 0.26 7.83 22.30
C GLU A 24 -1.19 7.83 21.87
N LYS A 25 -1.46 7.99 20.56
CA LYS A 25 -2.84 7.96 20.11
C LYS A 25 -3.45 6.55 20.16
N VAL A 26 -2.62 5.51 20.09
CA VAL A 26 -3.09 4.16 20.33
C VAL A 26 -3.48 3.99 21.78
N LYS A 27 -2.66 4.54 22.68
CA LYS A 27 -2.90 4.34 24.11
C LYS A 27 -4.08 5.15 24.61
N ASN A 28 -4.18 6.42 24.19
CA ASN A 28 -5.15 7.32 24.81
C ASN A 28 -6.05 8.01 23.80
N GLY A 29 -6.22 7.45 22.60
CA GLY A 29 -7.09 8.00 21.60
C GLY A 29 -8.45 7.29 21.63
N SER A 30 -9.16 7.48 20.53
CA SER A 30 -10.48 6.88 20.41
C SER A 30 -10.37 5.44 19.89
N ASN A 31 -11.45 4.68 20.04
CA ASN A 31 -11.41 3.29 19.57
C ASN A 31 -11.08 3.24 18.07
N GLU A 32 -11.72 4.09 17.28
CA GLU A 32 -11.51 4.06 15.82
C GLU A 32 -10.07 4.37 15.45
N GLU A 33 -9.46 5.37 16.09
CA GLU A 33 -8.08 5.69 15.73
C GLU A 33 -7.13 4.63 16.24
N ALA A 34 -7.46 4.01 17.37
CA ALA A 34 -6.67 2.89 17.84
C ALA A 34 -6.69 1.74 16.82
N ILE A 35 -7.87 1.41 16.29
CA ILE A 35 -7.96 0.36 15.27
C ILE A 35 -7.18 0.75 14.02
N ALA A 36 -7.36 1.99 13.58
CA ALA A 36 -6.68 2.47 12.37
C ALA A 36 -5.15 2.39 12.53
N LEU A 37 -4.64 2.88 13.66
CA LEU A 37 -3.20 2.88 13.86
C LEU A 37 -2.66 1.47 14.02
N GLY A 38 -3.43 0.57 14.64
CA GLY A 38 -3.00 -0.82 14.70
C GLY A 38 -2.94 -1.46 13.31
N GLU A 39 -3.91 -1.15 12.45
CA GLU A 39 -3.83 -1.70 11.09
C GLU A 39 -2.62 -1.13 10.35
N LYS A 40 -2.33 0.15 10.58
CA LYS A 40 -1.13 0.75 10.01
C LYS A 40 0.13 0.06 10.53
N ALA A 41 0.19 -0.18 11.85
CA ALA A 41 1.33 -0.89 12.44
C ALA A 41 1.47 -2.29 11.89
N VAL A 42 0.36 -2.98 11.63
CA VAL A 42 0.41 -4.30 11.01
C VAL A 42 1.08 -4.20 9.65
N ALA A 43 0.59 -3.27 8.83
CA ALA A 43 1.15 -3.10 7.48
C ALA A 43 2.62 -2.69 7.54
N ARG A 44 2.98 -1.82 8.49
CA ARG A 44 4.35 -1.32 8.57
C ARG A 44 5.29 -2.38 9.07
N ALA A 45 4.84 -3.19 10.03
CA ALA A 45 5.71 -4.24 10.54
C ALA A 45 5.91 -5.32 9.50
N LYS A 46 4.85 -5.72 8.78
CA LYS A 46 5.05 -6.70 7.71
C LYS A 46 5.99 -6.14 6.64
N ALA A 47 5.91 -4.84 6.37
CA ALA A 47 6.81 -4.25 5.39
C ALA A 47 8.27 -4.30 5.84
N LEU A 48 8.50 -4.24 7.15
CA LEU A 48 9.84 -4.28 7.74
C LEU A 48 10.35 -5.68 8.03
N GLY A 49 9.59 -6.72 7.68
CA GLY A 49 10.02 -8.08 7.97
C GLY A 49 9.66 -8.61 9.34
N LYS A 50 8.96 -7.83 10.17
CA LYS A 50 8.48 -8.32 11.46
C LYS A 50 7.13 -9.00 11.25
N GLU A 51 7.17 -10.20 10.66
CA GLU A 51 5.92 -10.84 10.27
C GLU A 51 5.19 -11.42 11.48
N LYS A 52 5.93 -12.03 12.41
CA LYS A 52 5.27 -12.53 13.62
C LYS A 52 4.65 -11.39 14.43
N GLU A 53 5.35 -10.26 14.55
CA GLU A 53 4.75 -9.15 15.27
C GLU A 53 3.56 -8.58 14.53
N ALA A 54 3.62 -8.54 13.21
CA ALA A 54 2.45 -8.17 12.44
C ALA A 54 1.29 -9.09 12.75
N LYS A 55 1.53 -10.39 12.82
CA LYS A 55 0.44 -11.31 13.15
C LYS A 55 -0.14 -11.05 14.54
C4 OZW A 56 -3.22 -11.17 26.42
C5 OZW A 56 -3.19 -10.25 27.45
C6 OZW A 56 -1.68 -9.88 25.12
C1 OZW A 56 -1.65 -8.92 26.14
C2 OZW A 56 -2.46 -11.00 25.29
C3 OZW A 56 -2.43 -9.11 27.30
N OZW A 56 0.74 -10.82 15.52
CA OZW A 56 0.30 -10.63 16.87
C OZW A 56 -0.61 -9.35 16.93
O OZW A 56 -1.69 -9.33 17.47
CB OZW A 56 1.51 -10.51 17.89
CG OZW A 56 1.01 -10.44 19.29
CD1 OZW A 56 0.62 -11.61 19.94
CD2 OZW A 56 0.90 -9.25 19.98
CE1 OZW A 56 0.13 -11.56 21.25
CE2 OZW A 56 0.43 -9.22 21.32
CZ OZW A 56 0.04 -10.39 21.95
N1 OZW A 56 -0.97 -9.71 23.92
N2 OZW A 56 -0.52 -10.69 23.26
N ILE A 57 -0.11 -8.29 16.32
CA ILE A 57 -0.80 -7.01 16.36
C ILE A 57 -2.09 -7.10 15.60
N LYS A 58 -2.13 -7.88 14.51
CA LYS A 58 -3.39 -8.07 13.78
C LYS A 58 -4.44 -8.72 14.67
N VAL A 59 -4.05 -9.76 15.42
CA VAL A 59 -5.01 -10.39 16.33
C VAL A 59 -5.53 -9.40 17.38
N LEU A 60 -4.65 -8.57 17.94
CA LEU A 60 -5.11 -7.65 18.99
C LEU A 60 -6.11 -6.62 18.44
N VAL A 61 -5.88 -6.15 17.22
CA VAL A 61 -6.80 -5.22 16.55
C VAL A 61 -8.14 -5.89 16.28
N GLU A 62 -8.11 -7.17 15.88
CA GLU A 62 -9.37 -7.91 15.78
C GLU A 62 -10.10 -7.86 17.11
N GLU A 63 -9.35 -8.00 18.21
CA GLU A 63 -9.95 -7.92 19.54
C GLU A 63 -10.52 -6.55 19.82
N LEU A 64 -9.82 -5.48 19.42
CA LEU A 64 -10.37 -4.13 19.61
C LEU A 64 -11.69 -3.98 18.85
N LYS A 65 -11.75 -4.49 17.62
CA LYS A 65 -13.00 -4.48 16.88
C LYS A 65 -14.09 -5.22 17.66
N LYS A 66 -13.78 -6.43 18.14
CA LYS A 66 -14.79 -7.25 18.80
C LYS A 66 -15.40 -6.53 19.99
N GLU A 67 -14.65 -5.63 20.62
CA GLU A 67 -15.16 -4.90 21.77
C GLU A 67 -16.19 -3.86 21.35
N GLY B 2 -5.05 -14.14 42.89
CA GLY B 2 -4.31 -12.90 42.99
C GLY B 2 -3.32 -12.68 41.86
N VAL B 3 -2.47 -11.68 42.06
CA VAL B 3 -1.48 -11.34 41.05
C VAL B 3 -0.61 -12.56 40.73
N GLU B 4 -0.10 -13.21 41.78
CA GLU B 4 0.90 -14.26 41.59
C GLU B 4 0.30 -15.52 40.95
N ALA B 5 -0.91 -15.87 41.37
CA ALA B 5 -1.62 -17.00 40.80
C ALA B 5 -1.99 -16.73 39.33
N ALA B 6 -2.41 -15.50 39.03
CA ALA B 6 -2.72 -15.10 37.67
C ALA B 6 -1.49 -15.19 36.77
N LYS B 7 -0.35 -14.79 37.28
CA LYS B 7 0.87 -14.85 36.51
C LYS B 7 1.27 -16.30 36.26
N LYS B 8 1.14 -17.14 37.28
CA LYS B 8 1.36 -18.57 37.11
C LYS B 8 0.49 -19.14 35.99
N GLU B 9 -0.80 -18.79 35.99
CA GLU B 9 -1.72 -19.28 34.95
C GLU B 9 -1.33 -18.77 33.56
N ILE B 10 -0.90 -17.50 33.46
CA ILE B 10 -0.51 -16.94 32.18
C ILE B 10 0.73 -17.67 31.63
N LYS B 11 1.72 -17.94 32.50
CA LYS B 11 2.92 -18.64 32.04
C LYS B 11 2.60 -20.07 31.63
N LYS B 12 1.76 -20.75 32.43
CA LYS B 12 1.38 -22.12 32.11
C LYS B 12 0.58 -22.19 30.81
N LEU B 13 -0.25 -21.16 30.55
CA LEU B 13 -0.98 -21.08 29.29
C LEU B 13 -0.03 -20.91 28.10
N LYS B 14 0.97 -20.04 28.23
CA LYS B 14 1.96 -19.89 27.17
C LYS B 14 2.68 -21.21 26.88
N GLU B 15 3.02 -21.96 27.93
CA GLU B 15 3.69 -23.24 27.75
C GLU B 15 2.75 -24.27 27.10
N GLU B 16 1.47 -24.26 27.45
CA GLU B 16 0.53 -25.18 26.81
C GLU B 16 0.37 -24.87 25.33
N VAL B 17 0.25 -23.59 25.00
CA VAL B 17 0.13 -23.15 23.62
C VAL B 17 1.36 -23.54 22.83
N LEU B 18 2.57 -23.35 23.42
CA LEU B 18 3.79 -23.69 22.70
C LEU B 18 3.88 -25.19 22.48
N LYS B 19 3.46 -25.97 23.47
CA LYS B 19 3.50 -27.42 23.32
C LYS B 19 2.57 -27.90 22.21
N LYS B 20 1.36 -27.36 22.12
CA LYS B 20 0.53 -27.70 20.97
C LYS B 20 1.21 -27.32 19.65
N TYR B 21 1.87 -26.17 19.63
CA TYR B 21 2.43 -25.66 18.38
C TYR B 21 3.62 -26.51 17.93
N LYS B 22 4.49 -26.88 18.87
CA LYS B 22 5.65 -27.69 18.57
C LYS B 22 5.31 -29.17 18.37
N LYS B 23 4.10 -29.59 18.75
CA LYS B 23 3.61 -30.92 18.39
C LYS B 23 2.96 -30.95 17.02
N GLY B 24 2.67 -29.80 16.42
CA GLY B 24 2.03 -29.70 15.14
C GLY B 24 0.52 -29.63 15.16
N GLU B 25 -0.08 -29.45 16.33
CA GLU B 25 -1.54 -29.44 16.42
C GLU B 25 -2.12 -28.10 16.00
N ILE B 26 -1.36 -27.01 16.10
CA ILE B 26 -1.83 -25.70 15.67
C ILE B 26 -0.72 -24.99 14.93
N ASN B 27 -1.12 -24.06 14.07
CA ASN B 27 -0.12 -23.25 13.39
C ASN B 27 0.18 -22.00 14.20
N GLU B 28 1.02 -21.16 13.61
CA GLU B 28 1.56 -19.99 14.28
C GLU B 28 0.44 -19.00 14.66
N GLU B 29 -0.42 -18.66 13.69
CA GLU B 29 -1.49 -17.70 13.96
C GLU B 29 -2.52 -18.25 14.93
N GLU B 30 -2.82 -19.55 14.86
CA GLU B 30 -3.71 -20.18 15.82
C GLU B 30 -3.12 -20.13 17.22
N ALA B 31 -1.79 -20.29 17.34
CA ALA B 31 -1.14 -20.21 18.64
C ALA B 31 -1.29 -18.82 19.22
N ILE B 32 -1.03 -17.79 18.41
CA ILE B 32 -1.18 -16.41 18.86
C ILE B 32 -2.60 -16.18 19.34
N LYS B 33 -3.60 -16.62 18.56
CA LYS B 33 -5.00 -16.38 18.88
C LYS B 33 -5.41 -17.07 20.16
N GLU B 34 -5.02 -18.33 20.31
CA GLU B 34 -5.44 -19.05 21.51
C GLU B 34 -4.83 -18.40 22.76
N PHE B 35 -3.54 -17.99 22.68
CA PHE B 35 -2.93 -17.29 23.83
C PHE B 35 -3.61 -15.96 24.08
N VAL B 36 -3.85 -15.17 23.04
CA VAL B 36 -4.45 -13.85 23.24
C VAL B 36 -5.82 -13.99 23.90
N GLU B 37 -6.63 -14.90 23.40
CA GLU B 37 -7.97 -15.06 23.95
C GLU B 37 -7.94 -15.49 25.42
N LYS B 38 -7.15 -16.52 25.76
CA LYS B 38 -7.23 -17.01 27.14
C LYS B 38 -6.52 -16.07 28.11
N ALA B 39 -5.41 -15.49 27.67
CA ALA B 39 -4.73 -14.55 28.54
C ALA B 39 -5.56 -13.29 28.75
N LEU B 40 -6.37 -12.88 27.76
CA LEU B 40 -7.23 -11.71 27.98
C LEU B 40 -8.28 -12.02 29.04
N LYS B 41 -8.84 -13.23 29.00
CA LYS B 41 -9.67 -13.65 30.11
C LYS B 41 -8.96 -13.41 31.43
N LEU B 42 -7.74 -13.92 31.54
CA LEU B 42 -6.98 -13.86 32.81
C LEU B 42 -6.67 -12.44 33.22
N VAL B 43 -6.29 -11.57 32.28
CA VAL B 43 -5.91 -10.21 32.64
C VAL B 43 -7.13 -9.39 33.10
N LYS B 44 -8.29 -9.55 32.42
CA LYS B 44 -9.49 -8.81 32.83
C LYS B 44 -10.00 -9.30 34.18
N ALA B 45 -9.89 -10.60 34.45
CA ALA B 45 -10.24 -11.08 35.77
C ALA B 45 -9.30 -10.54 36.86
N VAL B 46 -7.99 -10.45 36.59
CA VAL B 46 -7.02 -9.91 37.56
C VAL B 46 -6.28 -8.77 36.89
N GLY B 47 -6.85 -7.57 36.93
CA GLY B 47 -6.38 -6.45 36.12
C GLY B 47 -5.25 -5.60 36.65
N ASP B 48 -4.57 -6.09 37.67
CA ASP B 48 -3.47 -5.35 38.25
C ASP B 48 -2.37 -5.09 37.20
N GLU B 49 -1.65 -3.99 37.40
CA GLU B 49 -0.59 -3.63 36.46
C GLU B 49 0.46 -4.74 36.34
N ALA B 50 0.76 -5.42 37.46
CA ALA B 50 1.71 -6.52 37.44
C ALA B 50 1.29 -7.61 36.45
N VAL B 51 -0.01 -7.93 36.45
CA VAL B 51 -0.56 -8.95 35.56
C VAL B 51 -0.55 -8.47 34.10
N LYS B 52 -0.92 -7.22 33.86
CA LYS B 52 -0.90 -6.69 32.48
C LYS B 52 0.51 -6.72 31.91
N LYS B 53 1.49 -6.25 32.69
CA LYS B 53 2.88 -6.26 32.27
C LYS B 53 3.37 -7.68 32.00
N PHE B 54 3.06 -8.60 32.92
CA PHE B 54 3.52 -9.97 32.76
C PHE B 54 2.95 -10.62 31.52
N ALA B 55 1.66 -10.38 31.24
CA ALA B 55 1.01 -10.95 30.06
C ALA B 55 1.61 -10.40 28.79
N ILE B 56 1.89 -9.11 28.73
CA ILE B 56 2.55 -8.55 27.54
C ILE B 56 3.96 -9.16 27.38
N GLU B 57 4.67 -9.36 28.48
CA GLU B 57 6.00 -9.97 28.38
C GLU B 57 5.90 -11.42 27.92
N GLU B 58 4.91 -12.16 28.43
CA GLU B 58 4.77 -13.55 28.01
C GLU B 58 4.32 -13.60 26.54
N ALA B 59 3.54 -12.63 26.09
CA ALA B 59 3.23 -12.55 24.67
C ALA B 59 4.49 -12.32 23.84
N LYS B 60 5.37 -11.46 24.31
CA LYS B 60 6.62 -11.20 23.58
C LYS B 60 7.50 -12.45 23.53
N ALA B 61 7.61 -13.17 24.65
CA ALA B 61 8.36 -14.42 24.64
C ALA B 61 7.71 -15.45 23.71
N LEU B 62 6.38 -15.55 23.74
CA LEU B 62 5.68 -16.49 22.87
C LEU B 62 5.96 -16.17 21.40
N VAL B 63 5.86 -14.91 21.03
CA VAL B 63 6.07 -14.52 19.64
C VAL B 63 7.51 -14.79 19.22
N GLU B 64 8.48 -14.54 20.11
CA GLU B 64 9.89 -14.80 19.79
C GLU B 64 10.12 -16.29 19.56
N GLU B 65 9.44 -17.13 20.33
CA GLU B 65 9.70 -18.54 20.20
C GLU B 65 8.95 -19.21 19.04
N LEU B 66 8.02 -18.52 18.39
CA LEU B 66 7.27 -19.16 17.30
C LEU B 66 8.17 -19.35 16.05
N VAL C 3 11.66 21.70 -6.25
CA VAL C 3 10.63 21.96 -7.24
C VAL C 3 10.77 20.80 -8.20
N VAL C 4 12.03 20.40 -8.41
CA VAL C 4 12.35 19.37 -9.40
C VAL C 4 11.74 18.04 -9.02
N ARG C 5 11.91 17.63 -7.76
CA ARG C 5 11.29 16.39 -7.31
C ARG C 5 9.77 16.48 -7.44
N GLU C 6 9.18 17.61 -7.01
CA GLU C 6 7.72 17.77 -7.07
C GLU C 6 7.23 17.80 -8.50
N ALA C 7 7.98 18.45 -9.40
CA ALA C 7 7.59 18.48 -10.80
C ALA C 7 7.71 17.10 -11.44
N ILE C 8 8.77 16.37 -11.12
CA ILE C 8 8.89 15.00 -11.63
C ILE C 8 7.73 14.17 -11.14
N ALA C 9 7.38 14.29 -9.86
CA ALA C 9 6.26 13.53 -9.32
C ALA C 9 4.96 13.86 -10.03
N TYR C 10 4.67 15.16 -10.21
CA TYR C 10 3.44 15.57 -10.88
C TYR C 10 3.41 15.08 -12.32
N PHE C 11 4.51 15.26 -13.06
CA PHE C 11 4.51 14.91 -14.48
C PHE C 11 4.47 13.40 -14.68
N ALA C 12 5.10 12.63 -13.77
CA ALA C 12 5.01 11.18 -13.84
C ALA C 12 3.62 10.68 -13.45
N LYS C 13 2.98 11.37 -12.50
CA LYS C 13 1.60 11.05 -12.15
C LYS C 13 0.67 11.26 -13.34
N GLU C 14 0.70 12.45 -13.92
CA GLU C 14 -0.12 12.73 -15.10
C GLU C 14 0.20 11.77 -16.24
N ALA C 15 1.48 11.45 -16.43
CA ALA C 15 1.89 10.49 -17.44
C ALA C 15 1.65 9.04 -17.03
N GLY C 16 1.39 8.80 -15.74
CA GLY C 16 1.24 7.45 -15.25
C GLY C 16 2.50 6.61 -15.38
N ALA C 17 3.67 7.23 -15.27
CA ALA C 17 4.92 6.51 -15.45
C ALA C 17 5.44 5.87 -14.17
N LEU C 18 4.84 6.17 -13.03
CA LEU C 18 5.28 5.60 -11.77
C LEU C 18 4.07 5.26 -10.91
N SER C 19 4.31 4.45 -9.89
CA SER C 19 3.31 4.07 -8.90
C SER C 19 3.48 4.89 -7.63
N GLU C 20 2.47 4.83 -6.76
CA GLU C 20 2.55 5.50 -5.46
C GLU C 20 3.81 5.08 -4.70
N ALA C 21 4.17 3.79 -4.77
CA ALA C 21 5.40 3.34 -4.14
C ALA C 21 6.60 4.03 -4.75
N GLU C 22 6.52 4.35 -6.05
CA GLU C 22 7.56 5.09 -6.71
C GLU C 22 7.40 6.59 -6.50
N LEU C 23 6.16 7.06 -6.39
CA LEU C 23 5.87 8.49 -6.21
C LEU C 23 6.39 9.02 -4.88
N GLU C 24 6.25 8.24 -3.80
CA GLU C 24 6.63 8.74 -2.48
C GLU C 24 8.12 9.02 -2.36
N LYS C 25 8.96 8.15 -2.92
CA LYS C 25 10.40 8.40 -2.83
C LYS C 25 10.87 9.53 -3.74
N VAL C 26 10.12 9.82 -4.81
CA VAL C 26 10.43 10.99 -5.62
C VAL C 26 10.05 12.28 -4.87
N LYS C 27 8.84 12.31 -4.29
CA LYS C 27 8.36 13.53 -3.66
C LYS C 27 9.11 13.84 -2.36
N ASN C 28 9.27 12.83 -1.51
CA ASN C 28 9.83 12.99 -0.17
C ASN C 28 10.91 11.96 0.06
N GLY C 29 11.89 11.92 -0.85
CA GLY C 29 13.00 11.01 -0.77
C GLY C 29 14.26 11.63 -0.30
N SER C 30 15.41 11.05 -0.63
CA SER C 30 16.72 11.55 -0.22
C SER C 30 17.73 11.22 -1.33
N ASN C 31 17.72 12.03 -2.39
CA ASN C 31 18.66 11.94 -3.50
C ASN C 31 18.72 10.55 -4.14
N GLU C 32 19.86 10.25 -4.77
CA GLU C 32 20.13 9.01 -5.50
C GLU C 32 18.90 8.31 -6.08
N GLU C 33 18.05 7.80 -5.20
CA GLU C 33 16.90 7.05 -5.69
C GLU C 33 16.02 7.92 -6.58
N ALA C 34 15.94 9.22 -6.28
CA ALA C 34 15.14 10.11 -7.11
C ALA C 34 15.57 10.04 -8.57
N ILE C 35 16.87 10.19 -8.87
CA ILE C 35 17.23 10.12 -10.28
C ILE C 35 16.87 8.76 -10.84
N ALA C 36 17.16 7.69 -10.08
CA ALA C 36 16.85 6.36 -10.55
C ALA C 36 15.37 6.25 -10.89
N LEU C 37 14.51 6.71 -9.99
CA LEU C 37 13.09 6.55 -10.26
C LEU C 37 12.69 7.38 -11.46
N GLY C 38 13.28 8.56 -11.58
CA GLY C 38 12.97 9.41 -12.72
C GLY C 38 13.34 8.75 -14.03
N GLU C 39 14.49 8.05 -14.06
CA GLU C 39 14.86 7.40 -15.31
C GLU C 39 13.85 6.33 -15.66
N LYS C 40 13.37 5.58 -14.67
CA LYS C 40 12.35 4.59 -14.97
C LYS C 40 11.11 5.28 -15.52
N ALA C 41 10.72 6.40 -14.89
CA ALA C 41 9.56 7.13 -15.38
C ALA C 41 9.76 7.58 -16.82
N VAL C 42 10.99 7.98 -17.19
CA VAL C 42 11.25 8.30 -18.58
C VAL C 42 11.13 7.05 -19.44
N ALA C 43 11.81 5.97 -19.03
CA ALA C 43 11.88 4.77 -19.86
C ALA C 43 10.50 4.18 -20.09
N ARG C 44 9.65 4.23 -19.07
CA ARG C 44 8.30 3.72 -19.24
C ARG C 44 7.45 4.70 -20.06
N ALA C 45 7.66 6.01 -19.89
CA ALA C 45 6.82 6.98 -20.59
C ALA C 45 7.00 6.91 -22.09
N LYS C 46 8.25 6.78 -22.56
CA LYS C 46 8.47 6.57 -23.99
C LYS C 46 7.83 5.27 -24.48
N ALA C 47 7.81 4.24 -23.63
CA ALA C 47 7.17 2.99 -24.03
C ALA C 47 5.65 3.15 -24.12
N LEU C 48 5.10 4.04 -23.31
CA LEU C 48 3.68 4.31 -23.05
C LEU C 48 3.07 5.40 -23.97
N GLY C 49 3.82 5.93 -24.96
CA GLY C 49 3.44 6.96 -25.93
C GLY C 49 3.63 8.43 -25.52
N LYS C 50 4.02 8.71 -24.28
CA LYS C 50 4.24 10.09 -23.81
C LYS C 50 5.70 10.50 -24.02
N GLU C 51 6.03 10.84 -25.27
CA GLU C 51 7.43 11.07 -25.63
C GLU C 51 7.92 12.43 -25.16
N LYS C 52 7.11 13.47 -25.37
CA LYS C 52 7.46 14.81 -24.91
C LYS C 52 7.60 14.85 -23.40
N GLU C 53 6.66 14.23 -22.69
CA GLU C 53 6.75 14.17 -21.23
C GLU C 53 7.97 13.38 -20.80
N ALA C 54 8.32 12.33 -21.56
CA ALA C 54 9.53 11.58 -21.29
C ALA C 54 10.75 12.49 -21.36
N LYS C 55 10.83 13.31 -22.40
CA LYS C 55 11.92 14.26 -22.55
C LYS C 55 11.96 15.30 -21.43
C4 OZW C 56 9.96 25.32 -12.99
C5 OZW C 56 9.54 24.85 -11.76
C6 OZW C 56 9.66 23.12 -14.03
C1 OZW C 56 9.23 22.66 -12.77
C2 OZW C 56 10.03 24.48 -14.11
C3 OZW C 56 9.17 23.51 -11.67
N OZW C 56 10.79 15.77 -21.03
CA OZW C 56 10.68 16.82 -19.98
C OZW C 56 11.22 16.23 -18.64
O OZW C 56 12.01 16.81 -17.96
CB OZW C 56 9.21 17.35 -19.78
CG OZW C 56 9.02 18.38 -18.67
CD1 OZW C 56 9.31 19.73 -18.84
CD2 OZW C 56 8.57 18.01 -17.41
CE1 OZW C 56 9.14 20.67 -17.81
CE2 OZW C 56 8.40 18.95 -16.38
CZ OZW C 56 8.68 20.31 -16.54
N1 OZW C 56 9.74 22.26 -15.22
N2 OZW C 56 8.58 21.50 -15.64
N ILE C 57 10.73 15.03 -18.31
CA ILE C 57 11.11 14.38 -17.06
C ILE C 57 12.59 14.03 -17.14
N LYS C 58 13.07 13.72 -18.35
CA LYS C 58 14.50 13.47 -18.54
C LYS C 58 15.31 14.72 -18.22
N VAL C 59 14.89 15.89 -18.72
CA VAL C 59 15.57 17.14 -18.41
C VAL C 59 15.56 17.39 -16.90
N LEU C 60 14.42 17.11 -16.25
CA LEU C 60 14.35 17.31 -14.81
C LEU C 60 15.31 16.37 -14.09
N VAL C 61 15.45 15.15 -14.59
CA VAL C 61 16.39 14.19 -14.01
C VAL C 61 17.82 14.65 -14.23
N GLU C 62 18.10 15.24 -15.40
CA GLU C 62 19.40 15.87 -15.63
C GLU C 62 19.68 16.94 -14.60
N GLU C 63 18.66 17.75 -14.27
CA GLU C 63 18.86 18.78 -13.26
C GLU C 63 19.09 18.20 -11.88
N LEU C 64 18.32 17.17 -11.49
CA LEU C 64 18.49 16.57 -10.17
C LEU C 64 19.86 15.90 -10.02
N LYS C 65 20.24 15.06 -10.99
CA LYS C 65 21.58 14.48 -10.98
C LYS C 65 22.64 15.57 -11.02
N LYS C 66 22.44 16.55 -11.91
CA LYS C 66 23.35 17.65 -12.13
C LYS C 66 23.59 18.47 -10.87
N GLU C 67 22.65 18.46 -9.94
CA GLU C 67 22.80 19.20 -8.70
C GLU C 67 22.94 18.22 -7.53
N GLY D 2 8.10 39.11 -5.85
CA GLY D 2 6.85 38.65 -5.28
C GLY D 2 6.21 37.57 -6.13
N VAL D 3 4.96 37.21 -5.80
CA VAL D 3 4.26 36.18 -6.56
C VAL D 3 4.07 36.58 -8.00
N GLU D 4 3.36 37.70 -8.25
CA GLU D 4 3.00 38.01 -9.63
C GLU D 4 4.20 38.44 -10.45
N ALA D 5 5.20 39.08 -9.85
CA ALA D 5 6.37 39.42 -10.65
C ALA D 5 7.02 38.15 -11.20
N ALA D 6 7.19 37.14 -10.33
CA ALA D 6 7.74 35.88 -10.77
C ALA D 6 6.83 35.17 -11.77
N LYS D 7 5.52 35.17 -11.53
CA LYS D 7 4.61 34.48 -12.43
C LYS D 7 4.51 35.15 -13.79
N LYS D 8 4.46 36.50 -13.81
CA LYS D 8 4.50 37.24 -15.08
C LYS D 8 5.79 36.93 -15.83
N GLU D 9 6.92 36.90 -15.10
CA GLU D 9 8.18 36.56 -15.75
C GLU D 9 8.17 35.13 -16.29
N ILE D 10 7.57 34.20 -15.56
CA ILE D 10 7.52 32.80 -15.99
C ILE D 10 6.62 32.65 -17.22
N LYS D 11 5.47 33.34 -17.22
CA LYS D 11 4.56 33.28 -18.37
C LYS D 11 5.20 33.93 -19.59
N LYS D 12 5.88 35.06 -19.41
CA LYS D 12 6.62 35.66 -20.51
C LYS D 12 7.75 34.76 -20.97
N LEU D 13 8.37 34.01 -20.06
CA LEU D 13 9.40 33.05 -20.42
C LEU D 13 8.82 31.94 -21.29
N LYS D 14 7.68 31.38 -20.87
CA LYS D 14 7.01 30.37 -21.68
C LYS D 14 6.68 30.92 -23.07
N GLU D 15 6.23 32.18 -23.13
CA GLU D 15 5.94 32.78 -24.42
C GLU D 15 7.20 32.98 -25.25
N GLU D 16 8.31 33.36 -24.62
CA GLU D 16 9.57 33.53 -25.33
C GLU D 16 10.04 32.21 -25.92
N VAL D 17 10.03 31.15 -25.10
CA VAL D 17 10.45 29.84 -25.58
C VAL D 17 9.53 29.34 -26.70
N LEU D 18 8.22 29.49 -26.54
CA LEU D 18 7.31 28.98 -27.57
C LEU D 18 7.40 29.78 -28.87
N LYS D 19 7.46 31.12 -28.78
CA LYS D 19 7.59 31.93 -29.99
C LYS D 19 8.91 31.64 -30.69
N LYS D 20 9.99 31.50 -29.93
CA LYS D 20 11.25 31.04 -30.49
C LYS D 20 11.11 29.66 -31.10
N TYR D 21 10.32 28.80 -30.47
CA TYR D 21 10.21 27.40 -30.88
C TYR D 21 9.54 27.29 -32.23
N LYS D 22 8.39 27.94 -32.37
CA LYS D 22 7.71 27.92 -33.64
C LYS D 22 8.25 28.99 -34.61
N LYS D 23 9.26 29.76 -34.19
CA LYS D 23 9.99 30.48 -35.22
C LYS D 23 10.99 29.57 -35.92
N GLY D 24 11.17 28.34 -35.44
CA GLY D 24 12.12 27.41 -35.98
C GLY D 24 13.50 27.54 -35.38
N GLU D 25 13.63 28.38 -34.34
CA GLU D 25 14.93 28.65 -33.75
C GLU D 25 15.37 27.57 -32.76
N ILE D 26 14.42 26.84 -32.16
CA ILE D 26 14.77 25.77 -31.25
C ILE D 26 13.94 24.52 -31.54
N ASN D 27 14.53 23.37 -31.22
CA ASN D 27 13.88 22.07 -31.31
C ASN D 27 13.16 21.78 -29.99
N GLU D 28 12.63 20.56 -29.85
CA GLU D 28 11.87 20.22 -28.65
C GLU D 28 12.75 20.28 -27.41
N GLU D 29 13.85 19.52 -27.43
CA GLU D 29 14.68 19.39 -26.24
C GLU D 29 15.29 20.72 -25.83
N GLU D 30 15.66 21.55 -26.81
CA GLU D 30 16.18 22.88 -26.50
C GLU D 30 15.10 23.75 -25.86
N ALA D 31 13.84 23.61 -26.30
CA ALA D 31 12.77 24.39 -25.70
C ALA D 31 12.51 23.97 -24.25
N ILE D 32 12.38 22.65 -24.00
CA ILE D 32 12.23 22.19 -22.62
C ILE D 32 13.39 22.66 -21.76
N LYS D 33 14.62 22.54 -22.27
CA LYS D 33 15.78 22.90 -21.47
C LYS D 33 15.77 24.39 -21.14
N GLU D 34 15.42 25.25 -22.11
CA GLU D 34 15.39 26.68 -21.86
C GLU D 34 14.37 27.03 -20.79
N PHE D 35 13.16 26.49 -20.92
CA PHE D 35 12.14 26.76 -19.92
C PHE D 35 12.58 26.26 -18.55
N VAL D 36 13.13 25.04 -18.49
CA VAL D 36 13.51 24.45 -17.21
C VAL D 36 14.57 25.30 -16.52
N GLU D 37 15.62 25.67 -17.24
CA GLU D 37 16.72 26.42 -16.63
C GLU D 37 16.26 27.78 -16.12
N LYS D 38 15.59 28.55 -16.98
CA LYS D 38 15.27 29.92 -16.57
C LYS D 38 14.14 29.93 -15.54
N ALA D 39 13.15 29.04 -15.68
CA ALA D 39 12.07 28.97 -14.69
C ALA D 39 12.56 28.40 -13.36
N LEU D 40 13.59 27.54 -13.37
CA LEU D 40 14.18 27.08 -12.12
C LEU D 40 14.89 28.23 -11.41
N LYS D 41 15.64 29.04 -12.16
CA LYS D 41 16.19 30.27 -11.57
C LYS D 41 15.08 31.11 -10.95
N LEU D 42 14.00 31.33 -11.71
CA LEU D 42 12.92 32.18 -11.21
C LEU D 42 12.30 31.59 -9.94
N VAL D 43 12.07 30.27 -9.92
CA VAL D 43 11.39 29.65 -8.79
C VAL D 43 12.29 29.64 -7.55
N LYS D 44 13.57 29.35 -7.72
CA LYS D 44 14.48 29.39 -6.58
C LYS D 44 14.66 30.81 -6.07
N ALA D 45 14.50 31.82 -6.93
CA ALA D 45 14.57 33.19 -6.45
C ALA D 45 13.44 33.51 -5.47
N VAL D 46 12.23 33.06 -5.77
CA VAL D 46 11.09 33.26 -4.86
C VAL D 46 10.49 31.86 -4.58
N GLY D 47 10.95 31.25 -3.48
CA GLY D 47 10.62 29.86 -3.15
C GLY D 47 9.23 29.67 -2.55
N ASP D 48 8.27 29.41 -3.45
CA ASP D 48 6.83 29.30 -3.19
C ASP D 48 5.98 28.33 -3.95
N GLU D 49 4.92 27.95 -3.23
CA GLU D 49 3.80 27.20 -3.76
C GLU D 49 3.14 27.91 -4.94
N ALA D 50 2.91 29.22 -4.81
CA ALA D 50 2.28 29.94 -5.91
C ALA D 50 3.16 29.88 -7.15
N VAL D 51 4.45 30.17 -6.97
CA VAL D 51 5.39 30.20 -8.08
C VAL D 51 5.62 28.80 -8.62
N LYS D 52 5.87 27.83 -7.72
CA LYS D 52 6.12 26.46 -8.16
C LYS D 52 4.91 25.89 -8.88
N LYS D 53 3.72 26.05 -8.29
CA LYS D 53 2.50 25.51 -8.88
C LYS D 53 2.24 26.12 -10.24
N PHE D 54 2.35 27.45 -10.36
CA PHE D 54 2.12 28.10 -11.65
C PHE D 54 3.13 27.63 -12.69
N ALA D 55 4.39 27.45 -12.27
CA ALA D 55 5.41 26.95 -13.18
C ALA D 55 5.06 25.55 -13.65
N ILE D 56 4.54 24.70 -12.75
CA ILE D 56 4.13 23.35 -13.12
C ILE D 56 3.05 23.39 -14.19
N GLU D 57 2.03 24.24 -13.98
CA GLU D 57 0.94 24.29 -14.95
C GLU D 57 1.41 24.80 -16.30
N GLU D 58 2.23 25.86 -16.30
CA GLU D 58 2.69 26.40 -17.57
C GLU D 58 3.66 25.46 -18.28
N ALA D 59 4.47 24.71 -17.52
CA ALA D 59 5.33 23.70 -18.14
C ALA D 59 4.51 22.60 -18.79
N LYS D 60 3.45 22.14 -18.11
CA LYS D 60 2.62 21.10 -18.70
C LYS D 60 1.90 21.60 -19.96
N ALA D 61 1.39 22.83 -19.91
CA ALA D 61 0.73 23.39 -21.09
C ALA D 61 1.72 23.54 -22.25
N LEU D 62 2.94 24.01 -21.97
CA LEU D 62 3.97 24.13 -23.00
C LEU D 62 4.29 22.78 -23.63
N VAL D 63 4.44 21.74 -22.80
CA VAL D 63 4.69 20.41 -23.34
C VAL D 63 3.52 19.98 -24.22
N GLU D 64 2.30 20.37 -23.85
CA GLU D 64 1.13 20.02 -24.66
C GLU D 64 1.16 20.71 -26.02
N GLU D 65 1.51 21.99 -26.07
CA GLU D 65 1.50 22.72 -27.32
C GLU D 65 2.82 22.59 -28.09
N LEU D 66 3.79 21.89 -27.54
CA LEU D 66 5.10 21.74 -28.18
C LEU D 66 5.04 20.91 -29.46
N VAL E 3 -17.45 -8.11 -1.89
CA VAL E 3 -16.15 -8.77 -1.89
C VAL E 3 -15.37 -8.43 -3.18
N VAL E 4 -16.07 -8.37 -4.31
CA VAL E 4 -15.37 -8.08 -5.56
C VAL E 4 -14.76 -6.68 -5.52
N ARG E 5 -15.56 -5.69 -5.11
CA ARG E 5 -15.05 -4.33 -5.01
C ARG E 5 -13.87 -4.24 -4.05
N GLU E 6 -14.01 -4.84 -2.86
CA GLU E 6 -12.96 -4.72 -1.85
C GLU E 6 -11.69 -5.39 -2.31
N ALA E 7 -11.83 -6.50 -3.05
CA ALA E 7 -10.65 -7.17 -3.58
C ALA E 7 -9.97 -6.31 -4.64
N ILE E 8 -10.75 -5.69 -5.53
CA ILE E 8 -10.17 -4.82 -6.54
C ILE E 8 -9.44 -3.66 -5.87
N ALA E 9 -10.09 -3.04 -4.89
CA ALA E 9 -9.47 -1.92 -4.19
C ALA E 9 -8.19 -2.37 -3.50
N TYR E 10 -8.22 -3.53 -2.82
CA TYR E 10 -7.06 -4.01 -2.09
C TYR E 10 -5.88 -4.24 -3.02
N PHE E 11 -6.13 -4.92 -4.15
CA PHE E 11 -5.03 -5.22 -5.05
C PHE E 11 -4.52 -3.95 -5.72
N ALA E 12 -5.40 -2.98 -5.97
CA ALA E 12 -4.93 -1.71 -6.54
C ALA E 12 -4.15 -0.91 -5.52
N LYS E 13 -4.56 -0.95 -4.25
CA LYS E 13 -3.80 -0.30 -3.19
C LYS E 13 -2.42 -0.91 -3.09
N GLU E 14 -2.35 -2.23 -2.93
CA GLU E 14 -1.07 -2.91 -2.85
C GLU E 14 -0.22 -2.62 -4.08
N ALA E 15 -0.83 -2.58 -5.25
CA ALA E 15 -0.08 -2.21 -6.44
C ALA E 15 0.15 -0.70 -6.56
N GLY E 16 -0.54 0.11 -5.77
CA GLY E 16 -0.42 1.56 -5.91
C GLY E 16 -0.89 2.07 -7.26
N ALA E 17 -1.89 1.41 -7.84
CA ALA E 17 -2.41 1.73 -9.18
C ALA E 17 -3.51 2.78 -9.17
N LEU E 18 -3.99 3.19 -8.00
CA LEU E 18 -5.07 4.18 -7.88
C LEU E 18 -4.76 5.12 -6.73
N SER E 19 -5.50 6.22 -6.67
CA SER E 19 -5.35 7.20 -5.61
C SER E 19 -6.37 6.92 -4.50
N GLU E 20 -6.14 7.56 -3.36
CA GLU E 20 -7.04 7.40 -2.22
C GLU E 20 -8.48 7.71 -2.60
N ALA E 21 -8.69 8.80 -3.36
CA ALA E 21 -10.04 9.16 -3.79
C ALA E 21 -10.66 8.14 -4.72
N GLU E 22 -9.86 7.44 -5.53
CA GLU E 22 -10.44 6.48 -6.48
C GLU E 22 -10.79 5.14 -5.83
N LEU E 23 -10.03 4.69 -4.84
CA LEU E 23 -10.37 3.43 -4.18
C LEU E 23 -11.71 3.52 -3.45
N GLU E 24 -11.95 4.66 -2.77
CA GLU E 24 -13.20 4.83 -2.05
C GLU E 24 -14.37 4.83 -3.02
N LYS E 25 -14.19 5.41 -4.21
CA LYS E 25 -15.23 5.37 -5.23
C LYS E 25 -15.38 3.99 -5.83
N VAL E 26 -14.33 3.16 -5.78
CA VAL E 26 -14.48 1.76 -6.20
C VAL E 26 -15.38 1.03 -5.21
N LYS E 27 -15.14 1.24 -3.92
CA LYS E 27 -16.00 0.58 -2.93
C LYS E 27 -17.39 1.21 -2.88
N ASN E 28 -17.47 2.53 -3.06
CA ASN E 28 -18.71 3.28 -2.93
C ASN E 28 -18.91 4.05 -4.24
N GLY E 29 -19.62 3.44 -5.18
CA GLY E 29 -19.88 4.04 -6.47
C GLY E 29 -20.25 3.02 -7.52
N SER E 30 -21.55 2.77 -7.63
CA SER E 30 -22.20 1.81 -8.53
C SER E 30 -21.36 1.33 -9.71
N ASN E 31 -21.23 0.00 -9.84
CA ASN E 31 -20.50 -0.67 -10.92
C ASN E 31 -19.91 0.20 -12.02
N GLU E 32 -20.72 1.05 -12.62
CA GLU E 32 -20.26 1.77 -13.81
C GLU E 32 -18.98 2.54 -13.53
N GLU E 33 -18.86 3.16 -12.35
CA GLU E 33 -17.64 3.86 -11.99
C GLU E 33 -16.57 2.95 -11.39
N ALA E 34 -16.98 1.94 -10.61
CA ALA E 34 -16.03 0.98 -10.03
C ALA E 34 -15.25 0.26 -11.12
N ILE E 35 -15.96 -0.22 -12.14
CA ILE E 35 -15.31 -0.88 -13.28
C ILE E 35 -14.38 0.10 -13.98
N ALA E 36 -14.80 1.36 -14.10
CA ALA E 36 -13.95 2.37 -14.73
C ALA E 36 -12.61 2.47 -14.01
N LEU E 37 -12.65 2.58 -12.69
CA LEU E 37 -11.41 2.73 -11.94
C LEU E 37 -10.59 1.44 -11.95
N GLY E 38 -11.25 0.29 -11.87
CA GLY E 38 -10.52 -0.97 -11.90
C GLY E 38 -9.87 -1.24 -13.25
N GLU E 39 -10.62 -1.03 -14.33
CA GLU E 39 -10.13 -1.07 -15.70
C GLU E 39 -9.31 0.18 -15.96
N LYS E 40 -8.42 0.48 -15.04
CA LYS E 40 -7.50 1.60 -15.13
C LYS E 40 -6.35 1.19 -14.23
N ALA E 41 -6.72 0.67 -13.06
CA ALA E 41 -5.74 0.03 -12.19
C ALA E 41 -5.09 -1.14 -12.90
N VAL E 42 -5.84 -1.83 -13.77
CA VAL E 42 -5.23 -2.87 -14.59
C VAL E 42 -4.12 -2.27 -15.44
N ALA E 43 -4.42 -1.16 -16.12
CA ALA E 43 -3.44 -0.53 -17.00
C ALA E 43 -2.22 -0.04 -16.22
N ARG E 44 -2.44 0.51 -15.02
CA ARG E 44 -1.33 1.04 -14.24
C ARG E 44 -0.46 -0.09 -13.71
N ALA E 45 -1.07 -1.19 -13.29
CA ALA E 45 -0.29 -2.32 -12.82
C ALA E 45 0.49 -2.95 -13.96
N LYS E 46 -0.16 -3.07 -15.12
CA LYS E 46 0.51 -3.57 -16.32
C LYS E 46 1.68 -2.69 -16.72
N ALA E 47 1.57 -1.38 -16.51
CA ALA E 47 2.67 -0.48 -16.85
C ALA E 47 3.85 -0.63 -15.91
N LEU E 48 3.60 -0.95 -14.64
CA LEU E 48 4.66 -1.06 -13.65
C LEU E 48 5.28 -2.46 -13.60
N GLY E 49 4.83 -3.37 -14.45
CA GLY E 49 5.40 -4.70 -14.42
C GLY E 49 4.82 -5.60 -13.38
N LYS E 50 3.86 -5.12 -12.59
CA LYS E 50 3.13 -5.95 -11.64
C LYS E 50 2.02 -6.63 -12.44
N GLU E 51 2.44 -7.62 -13.21
CA GLU E 51 1.55 -8.25 -14.17
C GLU E 51 0.56 -9.19 -13.49
N LYS E 52 1.03 -9.94 -12.49
CA LYS E 52 0.13 -10.88 -11.81
C LYS E 52 -1.07 -10.14 -11.20
N GLU E 53 -0.80 -9.04 -10.51
CA GLU E 53 -1.86 -8.25 -9.90
C GLU E 53 -2.76 -7.60 -10.95
N ALA E 54 -2.17 -7.16 -12.06
CA ALA E 54 -2.99 -6.64 -13.16
C ALA E 54 -3.94 -7.71 -13.68
N LYS E 55 -3.43 -8.92 -13.89
CA LYS E 55 -4.23 -10.05 -14.36
C LYS E 55 -5.33 -10.43 -13.38
C4 OZW E 56 -12.26 -14.51 -4.24
C5 OZW E 56 -12.81 -14.09 -3.03
C6 OZW E 56 -10.79 -12.57 -4.31
C1 OZW E 56 -11.32 -12.16 -3.10
C2 OZW E 56 -11.28 -13.78 -4.88
C3 OZW E 56 -12.32 -12.91 -2.47
N OZW E 56 -4.98 -10.36 -12.11
CA OZW E 56 -5.90 -10.71 -11.06
C OZW E 56 -7.07 -9.66 -11.12
O OZW E 56 -8.23 -10.00 -11.13
CB OZW E 56 -5.23 -10.71 -9.65
CG OZW E 56 -6.20 -11.10 -8.60
CD1 OZW E 56 -6.48 -12.44 -8.38
CD2 OZW E 56 -6.90 -10.16 -7.85
CE1 OZW E 56 -7.38 -12.83 -7.42
CE2 OZW E 56 -7.83 -10.55 -6.88
CZ OZW E 56 -8.07 -11.91 -6.67
N1 OZW E 56 -9.79 -11.88 -5.02
N2 OZW E 56 -8.94 -12.62 -5.80
N ILE E 57 -6.70 -8.38 -11.14
CA ILE E 57 -7.70 -7.32 -11.13
C ILE E 57 -8.52 -7.40 -12.41
N LYS E 58 -7.91 -7.81 -13.51
CA LYS E 58 -8.63 -7.97 -14.77
C LYS E 58 -9.72 -9.04 -14.63
N VAL E 59 -9.38 -10.18 -14.04
CA VAL E 59 -10.41 -11.19 -13.81
C VAL E 59 -11.53 -10.61 -12.93
N LEU E 60 -11.16 -9.82 -11.93
CA LEU E 60 -12.19 -9.26 -11.07
C LEU E 60 -13.10 -8.25 -11.79
N VAL E 61 -12.53 -7.43 -12.68
CA VAL E 61 -13.36 -6.48 -13.44
C VAL E 61 -14.26 -7.21 -14.42
N GLU E 62 -13.77 -8.30 -15.03
CA GLU E 62 -14.66 -9.16 -15.80
C GLU E 62 -15.80 -9.66 -14.93
N GLU E 63 -15.50 -10.03 -13.68
CA GLU E 63 -16.54 -10.49 -12.78
C GLU E 63 -17.56 -9.38 -12.50
N LEU E 64 -17.08 -8.15 -12.35
CA LEU E 64 -17.98 -7.01 -12.19
C LEU E 64 -18.85 -6.83 -13.43
N LYS E 65 -18.26 -7.00 -14.61
CA LYS E 65 -19.03 -6.94 -15.85
C LYS E 65 -20.19 -7.92 -15.79
N LYS E 66 -19.92 -9.16 -15.38
CA LYS E 66 -20.98 -10.15 -15.29
C LYS E 66 -22.07 -9.68 -14.34
N GLU E 67 -21.73 -8.80 -13.40
CA GLU E 67 -22.63 -8.23 -12.40
C GLU E 67 -23.01 -9.29 -11.37
N GLY F 2 -19.23 -22.90 9.39
CA GLY F 2 -18.86 -21.77 10.23
C GLY F 2 -17.80 -20.89 9.60
N VAL F 3 -17.30 -19.93 10.38
CA VAL F 3 -16.22 -19.07 9.89
C VAL F 3 -14.95 -19.90 9.67
N GLU F 4 -14.57 -20.70 10.67
CA GLU F 4 -13.31 -21.44 10.57
C GLU F 4 -13.38 -22.47 9.45
N ALA F 5 -14.55 -23.09 9.26
CA ALA F 5 -14.76 -24.03 8.16
C ALA F 5 -14.62 -23.32 6.83
N ALA F 6 -15.21 -22.14 6.70
CA ALA F 6 -15.08 -21.39 5.45
C ALA F 6 -13.63 -21.06 5.18
N LYS F 7 -12.90 -20.64 6.20
CA LYS F 7 -11.51 -20.27 6.01
C LYS F 7 -10.64 -21.47 5.67
N LYS F 8 -10.88 -22.60 6.33
CA LYS F 8 -10.19 -23.83 5.99
C LYS F 8 -10.44 -24.20 4.52
N GLU F 9 -11.68 -24.07 4.05
CA GLU F 9 -11.92 -24.37 2.63
C GLU F 9 -11.20 -23.37 1.74
N ILE F 10 -11.16 -22.09 2.10
CA ILE F 10 -10.50 -21.13 1.20
C ILE F 10 -9.01 -21.44 1.09
N LYS F 11 -8.35 -21.74 2.22
CA LYS F 11 -6.92 -22.07 2.20
C LYS F 11 -6.67 -23.38 1.47
N LYS F 12 -7.50 -24.40 1.70
CA LYS F 12 -7.35 -25.64 0.94
C LYS F 12 -7.56 -25.39 -0.57
N LEU F 13 -8.44 -24.46 -0.93
CA LEU F 13 -8.65 -24.15 -2.34
C LEU F 13 -7.41 -23.50 -2.95
N LYS F 14 -6.83 -22.52 -2.24
CA LYS F 14 -5.58 -21.92 -2.70
C LYS F 14 -4.50 -22.98 -2.91
N GLU F 15 -4.41 -23.92 -1.98
CA GLU F 15 -3.38 -24.94 -2.10
C GLU F 15 -3.61 -25.87 -3.30
N GLU F 16 -4.86 -26.30 -3.52
CA GLU F 16 -5.14 -27.19 -4.65
C GLU F 16 -4.83 -26.50 -5.98
N VAL F 17 -5.26 -25.24 -6.10
CA VAL F 17 -4.98 -24.49 -7.32
C VAL F 17 -3.47 -24.33 -7.53
N LEU F 18 -2.75 -24.02 -6.44
CA LEU F 18 -1.30 -23.80 -6.52
C LEU F 18 -0.58 -25.07 -6.91
N LYS F 19 -1.01 -26.20 -6.38
CA LYS F 19 -0.41 -27.47 -6.73
C LYS F 19 -0.60 -27.78 -8.20
N LYS F 20 -1.82 -27.57 -8.72
CA LYS F 20 -2.01 -27.74 -10.15
C LYS F 20 -1.08 -26.83 -10.95
N TYR F 21 -0.92 -25.60 -10.49
CA TYR F 21 -0.13 -24.61 -11.22
C TYR F 21 1.36 -24.97 -11.20
N LYS F 22 1.87 -25.40 -10.05
CA LYS F 22 3.29 -25.70 -9.97
C LYS F 22 3.64 -27.04 -10.60
N LYS F 23 2.66 -27.88 -10.91
CA LYS F 23 2.86 -29.08 -11.72
C LYS F 23 2.90 -28.81 -13.21
N GLY F 24 2.45 -27.62 -13.64
CA GLY F 24 2.36 -27.21 -15.04
C GLY F 24 1.05 -27.51 -15.78
N GLU F 25 0.02 -28.01 -15.09
CA GLU F 25 -1.19 -28.40 -15.81
C GLU F 25 -2.10 -27.21 -16.12
N ILE F 26 -1.95 -26.08 -15.42
CA ILE F 26 -2.71 -24.88 -15.72
C ILE F 26 -1.76 -23.70 -15.75
N ASN F 27 -2.09 -22.67 -16.53
CA ASN F 27 -1.22 -21.49 -16.49
C ASN F 27 -1.68 -20.56 -15.38
N GLU F 28 -1.03 -19.38 -15.26
CA GLU F 28 -1.32 -18.49 -14.15
C GLU F 28 -2.75 -17.92 -14.21
N GLU F 29 -3.19 -17.50 -15.41
CA GLU F 29 -4.52 -16.93 -15.53
C GLU F 29 -5.61 -17.95 -15.21
N GLU F 30 -5.41 -19.20 -15.62
CA GLU F 30 -6.35 -20.25 -15.28
C GLU F 30 -6.37 -20.48 -13.80
N ALA F 31 -5.21 -20.40 -13.15
CA ALA F 31 -5.13 -20.55 -11.71
C ALA F 31 -5.86 -19.40 -11.02
N ILE F 32 -5.63 -18.17 -11.47
CA ILE F 32 -6.35 -17.02 -10.94
C ILE F 32 -7.86 -17.21 -11.08
N LYS F 33 -8.32 -17.60 -12.27
CA LYS F 33 -9.76 -17.74 -12.53
C LYS F 33 -10.37 -18.88 -11.73
N GLU F 34 -9.69 -20.01 -11.62
CA GLU F 34 -10.20 -21.10 -10.80
C GLU F 34 -10.33 -20.65 -9.33
N PHE F 35 -9.29 -20.00 -8.80
CA PHE F 35 -9.40 -19.56 -7.43
C PHE F 35 -10.50 -18.52 -7.28
N VAL F 36 -10.57 -17.55 -8.19
CA VAL F 36 -11.54 -16.47 -8.05
C VAL F 36 -12.95 -17.02 -8.04
N GLU F 37 -13.26 -17.91 -8.99
CA GLU F 37 -14.61 -18.45 -9.11
C GLU F 37 -14.99 -19.23 -7.86
N LYS F 38 -14.12 -20.16 -7.42
CA LYS F 38 -14.52 -20.99 -6.29
C LYS F 38 -14.49 -20.19 -4.98
N ALA F 39 -13.58 -19.24 -4.82
CA ALA F 39 -13.57 -18.45 -3.59
C ALA F 39 -14.73 -17.46 -3.53
N LEU F 40 -15.19 -16.95 -4.70
CA LEU F 40 -16.38 -16.08 -4.69
C LEU F 40 -17.61 -16.86 -4.27
N LYS F 41 -17.77 -18.08 -4.79
CA LYS F 41 -18.85 -18.92 -4.28
C LYS F 41 -18.74 -19.03 -2.76
N LEU F 42 -17.53 -19.32 -2.27
CA LEU F 42 -17.33 -19.53 -0.84
C LEU F 42 -17.68 -18.28 -0.01
N VAL F 43 -17.25 -17.11 -0.46
CA VAL F 43 -17.46 -15.88 0.30
C VAL F 43 -18.93 -15.49 0.25
N LYS F 44 -19.57 -15.66 -0.91
CA LYS F 44 -20.98 -15.31 -0.97
C LYS F 44 -21.85 -16.28 -0.20
N ALA F 45 -21.49 -17.55 -0.17
CA ALA F 45 -22.25 -18.51 0.62
C ALA F 45 -22.13 -18.21 2.09
N VAL F 46 -20.93 -17.86 2.55
CA VAL F 46 -20.68 -17.51 3.95
C VAL F 46 -20.49 -16.01 4.02
N GLY F 47 -21.58 -15.28 4.21
CA GLY F 47 -21.53 -13.83 4.13
C GLY F 47 -21.00 -13.23 5.41
N ASP F 48 -19.82 -13.66 5.85
CA ASP F 48 -19.19 -13.12 7.04
C ASP F 48 -18.00 -12.24 6.64
N GLU F 49 -17.81 -11.17 7.42
CA GLU F 49 -16.76 -10.19 7.14
C GLU F 49 -15.37 -10.80 7.19
N ALA F 50 -15.13 -11.61 8.24
CA ALA F 50 -13.83 -12.27 8.39
C ALA F 50 -13.53 -13.16 7.20
N VAL F 51 -14.53 -13.84 6.65
CA VAL F 51 -14.28 -14.72 5.50
C VAL F 51 -13.91 -13.91 4.27
N LYS F 52 -14.63 -12.81 4.00
CA LYS F 52 -14.28 -11.98 2.86
C LYS F 52 -12.85 -11.48 2.97
N LYS F 53 -12.45 -10.99 4.17
CA LYS F 53 -11.07 -10.51 4.34
C LYS F 53 -10.07 -11.66 4.15
N PHE F 54 -10.36 -12.80 4.76
CA PHE F 54 -9.45 -13.94 4.63
C PHE F 54 -9.27 -14.35 3.18
N ALA F 55 -10.37 -14.38 2.41
CA ALA F 55 -10.28 -14.74 1.00
C ALA F 55 -9.45 -13.75 0.23
N ILE F 56 -9.62 -12.45 0.53
CA ILE F 56 -8.79 -11.46 -0.15
C ILE F 56 -7.31 -11.69 0.17
N GLU F 57 -7.01 -11.99 1.44
CA GLU F 57 -5.63 -12.21 1.85
C GLU F 57 -5.03 -13.45 1.18
N GLU F 58 -5.81 -14.53 1.11
CA GLU F 58 -5.35 -15.75 0.44
C GLU F 58 -5.20 -15.53 -1.06
N ALA F 59 -6.04 -14.69 -1.66
CA ALA F 59 -5.85 -14.35 -3.06
C ALA F 59 -4.53 -13.63 -3.26
N LYS F 60 -4.20 -12.71 -2.35
CA LYS F 60 -2.91 -12.03 -2.46
C LYS F 60 -1.74 -13.01 -2.29
N ALA F 61 -1.85 -13.95 -1.36
CA ALA F 61 -0.79 -14.95 -1.18
C ALA F 61 -0.63 -15.82 -2.40
N LEU F 62 -1.75 -16.24 -3.01
CA LEU F 62 -1.72 -17.05 -4.21
C LEU F 62 -1.03 -16.30 -5.36
N VAL F 63 -1.41 -15.04 -5.56
CA VAL F 63 -0.79 -14.25 -6.61
C VAL F 63 0.70 -14.05 -6.31
N GLU F 64 1.07 -13.92 -5.03
CA GLU F 64 2.47 -13.80 -4.66
C GLU F 64 3.25 -15.06 -5.01
N GLU F 65 2.64 -16.22 -4.79
CA GLU F 65 3.35 -17.46 -5.06
C GLU F 65 3.31 -17.85 -6.53
N LEU F 66 2.61 -17.12 -7.37
CA LEU F 66 2.53 -17.52 -8.77
C LEU F 66 3.88 -17.30 -9.45
#